data_2Q8Q
#
_entry.id   2Q8Q
#
_cell.length_a   64.219
_cell.length_b   64.219
_cell.length_c   144.993
_cell.angle_alpha   90.00
_cell.angle_beta   90.00
_cell.angle_gamma   90.00
#
_symmetry.space_group_name_H-M   'P 43 21 2'
#
loop_
_entity.id
_entity.type
_entity.pdbx_description
1 polymer 'Iron-regulated surface determinant E'
2 non-polymer 'PROTOPORPHYRIN IX CONTAINING FE'
3 water water
#
_entity_poly.entity_id   1
_entity_poly.type   'polypeptide(L)'
_entity_poly.pdbx_seq_one_letter_code
;GSGEFRIVPTTVALTMTLDKLDLPIVGKPTSYKTLPNRYKDVPEIGQPMEPNVEAVKKLKPTHVLSVSTIKDEMQPFYKQ
LNMKGYFYDFDSLKGMQKSITQLGDQFNRKAQAKELNDHLNSVKQKIENKAAKQKKHPKVLILMGVPGSYLVATDKSYIG
DLVKIAGGENVIKVKDRQYISSNTENLLNINPDIILRLPHGMPEEVKKMFQKEFKQNDIWKHFKAVKNNHVYDLEEVPFG
ITANVDADKAMTQLYDLFYK
;
_entity_poly.pdbx_strand_id   A
#
loop_
_chem_comp.id
_chem_comp.type
_chem_comp.name
_chem_comp.formula
HEM non-polymer 'PROTOPORPHYRIN IX CONTAINING FE' 'C34 H32 Fe N4 O4'
#
# COMPACT_ATOMS: atom_id res chain seq x y z
N GLY A 3 -20.01 -25.27 -3.52
CA GLY A 3 -18.51 -25.39 -3.40
C GLY A 3 -17.75 -24.49 -4.35
N GLU A 4 -18.40 -24.15 -5.48
CA GLU A 4 -17.81 -23.31 -6.55
C GLU A 4 -17.72 -21.83 -6.19
N PHE A 5 -16.51 -21.28 -6.33
CA PHE A 5 -16.24 -19.89 -5.99
C PHE A 5 -16.15 -19.05 -7.24
N ARG A 6 -16.75 -17.85 -7.17
CA ARG A 6 -16.64 -16.85 -8.20
C ARG A 6 -16.18 -15.55 -7.53
N ILE A 7 -14.89 -15.27 -7.62
CA ILE A 7 -14.25 -14.25 -6.80
C ILE A 7 -13.96 -13.01 -7.62
N VAL A 8 -14.38 -11.85 -7.13
CA VAL A 8 -13.91 -10.58 -7.69
C VAL A 8 -13.10 -9.73 -6.68
N PRO A 9 -11.78 -9.68 -6.90
CA PRO A 9 -10.92 -8.74 -6.20
C PRO A 9 -11.16 -7.35 -6.76
N THR A 10 -11.34 -6.38 -5.88
CA THR A 10 -11.62 -5.01 -6.34
C THR A 10 -10.37 -4.14 -6.28
N THR A 11 -9.28 -4.64 -5.70
CA THR A 11 -8.03 -3.91 -5.75
C THR A 11 -6.94 -4.67 -6.50
N VAL A 12 -5.91 -3.94 -6.91
CA VAL A 12 -4.75 -4.52 -7.57
C VAL A 12 -3.94 -5.41 -6.63
N ALA A 13 -3.70 -4.97 -5.39
CA ALA A 13 -3.04 -5.82 -4.37
C ALA A 13 -3.76 -7.14 -4.10
N LEU A 14 -5.09 -7.09 -4.01
CA LEU A 14 -5.91 -8.31 -3.85
C LEU A 14 -5.81 -9.24 -5.07
N THR A 15 -5.89 -8.67 -6.27
CA THR A 15 -5.66 -9.42 -7.52
C THR A 15 -4.28 -10.11 -7.58
N MET A 16 -3.24 -9.41 -7.16
CA MET A 16 -1.92 -9.99 -7.16
C MET A 16 -1.75 -11.10 -6.09
N THR A 17 -2.49 -10.98 -4.99
CA THR A 17 -2.50 -11.96 -3.90
C THR A 17 -3.22 -13.23 -4.34
N LEU A 18 -4.34 -13.08 -5.04
CA LEU A 18 -5.07 -14.24 -5.56
C LEU A 18 -4.24 -15.01 -6.58
N ASP A 19 -3.43 -14.30 -7.37
CA ASP A 19 -2.52 -14.94 -8.32
C ASP A 19 -1.45 -15.77 -7.61
N LYS A 20 -0.83 -15.21 -6.57
CA LYS A 20 0.10 -16.00 -5.73
C LYS A 20 -0.53 -17.26 -5.13
N LEU A 21 -1.84 -17.20 -4.86
CA LEU A 21 -2.57 -18.32 -4.26
C LEU A 21 -3.14 -19.29 -5.34
N ASP A 22 -2.88 -19.01 -6.61
CA ASP A 22 -3.23 -19.92 -7.72
C ASP A 22 -4.76 -20.01 -7.87
N LEU A 23 -5.42 -18.86 -7.74
CA LEU A 23 -6.86 -18.80 -7.73
C LEU A 23 -7.38 -18.11 -8.97
N PRO A 24 -8.36 -18.74 -9.64
CA PRO A 24 -9.07 -18.05 -10.72
C PRO A 24 -9.99 -16.96 -10.17
N ILE A 25 -10.26 -15.96 -10.99
CA ILE A 25 -11.18 -14.86 -10.65
C ILE A 25 -12.19 -14.64 -11.80
N VAL A 26 -13.34 -14.03 -11.50
CA VAL A 26 -14.35 -13.75 -12.55
C VAL A 26 -14.41 -12.27 -12.97
N GLY A 27 -13.81 -11.38 -12.17
CA GLY A 27 -13.68 -9.95 -12.53
C GLY A 27 -12.43 -9.36 -11.92
N LYS A 28 -11.92 -8.28 -12.50
CA LYS A 28 -10.69 -7.62 -12.00
C LYS A 28 -10.85 -6.09 -11.99
N PRO A 29 -10.06 -5.38 -11.15
CA PRO A 29 -10.13 -3.92 -11.17
C PRO A 29 -9.67 -3.28 -12.49
N THR A 30 -10.21 -2.10 -12.80
CA THR A 30 -9.71 -1.27 -13.90
C THR A 30 -8.52 -0.48 -13.38
N SER A 31 -7.39 -0.60 -14.05
CA SER A 31 -6.14 -0.08 -13.52
C SER A 31 -5.12 0.14 -14.64
N TYR A 32 -4.24 1.12 -14.46
CA TYR A 32 -3.11 1.33 -15.37
C TYR A 32 -1.90 0.47 -14.98
N LYS A 33 -2.01 -0.26 -13.86
CA LYS A 33 -0.91 -1.10 -13.37
C LYS A 33 -0.87 -2.44 -14.10
N THR A 34 0.32 -3.03 -14.15
CA THR A 34 0.50 -4.42 -14.60
C THR A 34 -0.26 -5.41 -13.71
N LEU A 35 -1.08 -6.25 -14.32
CA LEU A 35 -1.78 -7.34 -13.63
C LEU A 35 -1.22 -8.70 -14.10
N PRO A 36 -1.42 -9.75 -13.27
CA PRO A 36 -0.94 -11.08 -13.63
C PRO A 36 -1.49 -11.56 -14.96
N ASN A 37 -0.65 -12.26 -15.73
CA ASN A 37 -0.96 -12.66 -17.10
C ASN A 37 -2.16 -13.61 -17.13
N ARG A 38 -2.34 -14.41 -16.10
CA ARG A 38 -3.44 -15.38 -16.10
C ARG A 38 -4.84 -14.72 -16.07
N TYR A 39 -4.88 -13.45 -15.73
CA TYR A 39 -6.14 -12.71 -15.68
C TYR A 39 -6.35 -11.81 -16.90
N LYS A 40 -5.55 -12.02 -17.95
CA LYS A 40 -5.58 -11.13 -19.10
C LYS A 40 -6.96 -11.07 -19.76
N ASP A 41 -7.67 -12.20 -19.78
CA ASP A 41 -8.98 -12.29 -20.43
C ASP A 41 -10.20 -12.05 -19.50
N VAL A 42 -9.96 -11.84 -18.21
CA VAL A 42 -11.10 -11.57 -17.31
C VAL A 42 -11.54 -10.10 -17.44
N PRO A 43 -12.85 -9.83 -17.37
CA PRO A 43 -13.38 -8.48 -17.57
C PRO A 43 -13.03 -7.55 -16.41
N GLU A 44 -12.92 -6.27 -16.72
CA GLU A 44 -12.69 -5.22 -15.73
C GLU A 44 -14.01 -4.77 -15.13
N ILE A 45 -14.02 -4.48 -13.84
CA ILE A 45 -15.28 -4.08 -13.22
C ILE A 45 -15.26 -2.66 -12.65
N GLY A 46 -14.24 -1.88 -13.02
CA GLY A 46 -14.12 -0.50 -12.58
C GLY A 46 -12.92 -0.26 -11.68
N GLN A 47 -12.64 1.01 -11.44
CA GLN A 47 -11.51 1.41 -10.60
C GLN A 47 -11.72 1.03 -9.13
N PRO A 48 -10.63 0.66 -8.42
CA PRO A 48 -10.70 0.07 -7.08
C PRO A 48 -11.52 0.86 -6.06
N MET A 49 -11.48 2.18 -6.14
CA MET A 49 -12.17 3.06 -5.20
C MET A 49 -13.65 3.23 -5.54
N GLU A 50 -14.03 2.88 -6.76
CA GLU A 50 -15.44 2.92 -7.14
C GLU A 50 -15.79 1.87 -8.20
N PRO A 51 -15.86 0.59 -7.77
CA PRO A 51 -16.20 -0.46 -8.72
C PRO A 51 -17.64 -0.31 -9.20
N ASN A 52 -17.89 -0.81 -10.40
CA ASN A 52 -19.21 -0.66 -11.01
C ASN A 52 -20.15 -1.72 -10.46
N VAL A 53 -21.14 -1.27 -9.68
CA VAL A 53 -22.11 -2.14 -9.00
C VAL A 53 -22.78 -3.11 -9.97
N GLU A 54 -23.25 -2.59 -11.10
CA GLU A 54 -23.97 -3.41 -12.07
C GLU A 54 -23.08 -4.36 -12.88
N ALA A 55 -21.84 -3.95 -13.15
CA ALA A 55 -20.87 -4.81 -13.81
C ALA A 55 -20.52 -6.01 -12.94
N VAL A 56 -20.28 -5.76 -11.65
CA VAL A 56 -19.98 -6.81 -10.67
C VAL A 56 -21.16 -7.79 -10.52
N LYS A 57 -22.38 -7.27 -10.38
CA LYS A 57 -23.59 -8.09 -10.26
C LYS A 57 -23.82 -8.98 -11.49
N LYS A 58 -23.38 -8.50 -12.65
CA LYS A 58 -23.50 -9.22 -13.92
C LYS A 58 -22.68 -10.51 -13.93
N LEU A 59 -21.66 -10.57 -13.09
CA LEU A 59 -20.74 -11.71 -13.05
C LEU A 59 -21.18 -12.78 -12.04
N LYS A 60 -22.24 -12.47 -11.30
CA LYS A 60 -22.85 -13.37 -10.31
C LYS A 60 -21.80 -13.97 -9.36
N PRO A 61 -21.06 -13.08 -8.65
CA PRO A 61 -19.96 -13.50 -7.76
C PRO A 61 -20.47 -14.17 -6.48
N THR A 62 -19.59 -14.91 -5.81
CA THR A 62 -19.92 -15.44 -4.47
C THR A 62 -19.24 -14.54 -3.43
N HIS A 63 -18.08 -14.01 -3.81
CA HIS A 63 -17.25 -13.18 -2.94
C HIS A 63 -16.70 -11.97 -3.70
N VAL A 64 -16.95 -10.77 -3.16
CA VAL A 64 -16.40 -9.52 -3.70
C VAL A 64 -15.53 -8.89 -2.63
N LEU A 65 -14.26 -8.66 -2.96
CA LEU A 65 -13.24 -8.42 -1.95
C LEU A 65 -12.62 -7.05 -2.02
N SER A 66 -12.51 -6.39 -0.86
CA SER A 66 -11.90 -5.07 -0.75
C SER A 66 -10.89 -5.05 0.41
N VAL A 67 -10.35 -3.88 0.73
CA VAL A 67 -9.33 -3.74 1.78
C VAL A 67 -9.76 -2.77 2.89
N SER A 68 -9.10 -2.88 4.05
CA SER A 68 -9.42 -2.12 5.26
C SER A 68 -9.13 -0.63 5.15
N THR A 69 -8.21 -0.27 4.25
CA THR A 69 -7.76 1.11 4.09
C THR A 69 -8.88 2.05 3.64
N ILE A 70 -9.82 1.50 2.87
CA ILE A 70 -10.94 2.28 2.39
C ILE A 70 -12.28 1.65 2.77
N LYS A 71 -12.31 1.00 3.94
CA LYS A 71 -13.51 0.30 4.40
C LYS A 71 -14.74 1.21 4.49
N ASP A 72 -14.63 2.33 5.21
CA ASP A 72 -15.75 3.26 5.39
C ASP A 72 -16.29 3.76 4.06
N GLU A 73 -15.39 4.13 3.14
CA GLU A 73 -15.81 4.71 1.88
C GLU A 73 -16.33 3.68 0.87
N MET A 74 -16.08 2.40 1.12
CA MET A 74 -16.61 1.31 0.29
C MET A 74 -17.98 0.80 0.76
N GLN A 75 -18.46 1.31 1.88
CA GLN A 75 -19.71 0.83 2.47
C GLN A 75 -20.96 1.04 1.57
N PRO A 76 -21.11 2.24 0.96
CA PRO A 76 -22.19 2.44 -0.02
C PRO A 76 -22.18 1.41 -1.16
N PHE A 77 -21.00 1.11 -1.68
CA PHE A 77 -20.82 0.12 -2.75
C PHE A 77 -21.46 -1.22 -2.39
N TYR A 78 -21.04 -1.76 -1.23
CA TYR A 78 -21.55 -3.02 -0.71
C TYR A 78 -23.04 -3.01 -0.42
N LYS A 79 -23.58 -1.85 0.00
CA LYS A 79 -25.04 -1.67 0.17
C LYS A 79 -25.81 -1.89 -1.12
N GLN A 80 -25.36 -1.24 -2.20
CA GLN A 80 -25.98 -1.33 -3.52
C GLN A 80 -25.77 -2.69 -4.14
N LEU A 81 -24.61 -3.28 -3.87
CA LEU A 81 -24.30 -4.64 -4.30
C LEU A 81 -25.22 -5.65 -3.61
N ASN A 82 -25.52 -5.39 -2.35
CA ASN A 82 -26.24 -6.29 -1.44
C ASN A 82 -25.46 -7.56 -1.09
N MET A 83 -24.16 -7.41 -0.87
CA MET A 83 -23.30 -8.54 -0.53
C MET A 83 -22.43 -8.24 0.69
N LYS A 84 -21.87 -9.30 1.29
CA LYS A 84 -20.99 -9.18 2.45
C LYS A 84 -19.69 -8.44 2.14
N GLY A 85 -19.40 -7.44 2.96
CA GLY A 85 -18.14 -6.73 2.87
C GLY A 85 -17.02 -7.58 3.41
N TYR A 86 -15.97 -7.72 2.62
CA TYR A 86 -14.70 -8.29 3.05
C TYR A 86 -13.69 -7.18 2.95
N PHE A 87 -13.05 -6.84 4.06
CA PHE A 87 -12.09 -5.74 4.09
C PHE A 87 -10.80 -6.17 4.75
N TYR A 88 -10.02 -6.95 4.03
CA TYR A 88 -8.76 -7.50 4.50
C TYR A 88 -7.78 -6.40 4.87
N ASP A 89 -7.08 -6.63 5.98
CA ASP A 89 -6.04 -5.75 6.47
C ASP A 89 -4.79 -5.83 5.57
N PHE A 90 -4.57 -4.78 4.77
CA PHE A 90 -3.38 -4.61 3.96
C PHE A 90 -2.63 -3.33 4.33
N ASP A 91 -2.72 -2.94 5.61
CA ASP A 91 -2.05 -1.72 6.13
C ASP A 91 -0.68 -1.97 6.80
N SER A 92 -0.25 -3.23 6.84
CA SER A 92 1.04 -3.63 7.38
C SER A 92 1.46 -5.01 6.86
N LEU A 93 2.71 -5.37 7.08
CA LEU A 93 3.20 -6.74 6.83
C LEU A 93 2.43 -7.80 7.64
N LYS A 94 2.28 -7.56 8.94
CA LYS A 94 1.57 -8.49 9.80
C LYS A 94 0.08 -8.61 9.40
N GLY A 95 -0.53 -7.48 9.08
CA GLY A 95 -1.92 -7.47 8.61
C GLY A 95 -2.14 -8.26 7.33
N MET A 96 -1.30 -7.98 6.32
CA MET A 96 -1.35 -8.70 5.07
C MET A 96 -1.07 -10.20 5.21
N GLN A 97 -0.14 -10.58 6.10
CA GLN A 97 0.15 -12.01 6.39
C GLN A 97 -1.10 -12.73 6.94
N LYS A 98 -1.78 -12.10 7.89
CA LYS A 98 -3.05 -12.60 8.42
C LYS A 98 -4.11 -12.72 7.30
N SER A 99 -4.20 -11.71 6.42
CA SER A 99 -5.16 -11.75 5.31
C SER A 99 -4.88 -12.89 4.32
N ILE A 100 -3.60 -13.13 4.04
CA ILE A 100 -3.17 -14.23 3.16
C ILE A 100 -3.59 -15.59 3.72
N THR A 101 -3.35 -15.79 5.01
CA THR A 101 -3.83 -17.00 5.70
C THR A 101 -5.35 -17.14 5.56
N GLN A 102 -6.08 -16.04 5.81
CA GLN A 102 -7.54 -16.08 5.72
C GLN A 102 -8.01 -16.49 4.33
N LEU A 103 -7.47 -15.86 3.29
CA LEU A 103 -7.77 -16.22 1.90
C LEU A 103 -7.41 -17.70 1.58
N GLY A 104 -6.28 -18.19 2.11
CA GLY A 104 -5.90 -19.61 1.96
C GLY A 104 -6.96 -20.54 2.54
N ASP A 105 -7.46 -20.18 3.72
CA ASP A 105 -8.49 -20.93 4.42
C ASP A 105 -9.85 -20.90 3.71
N GLN A 106 -10.25 -19.73 3.21
CA GLN A 106 -11.55 -19.54 2.55
C GLN A 106 -11.64 -20.31 1.24
N PHE A 107 -10.53 -20.31 0.50
CA PHE A 107 -10.52 -20.70 -0.89
C PHE A 107 -9.60 -21.88 -1.20
N ASN A 108 -9.35 -22.74 -0.20
CA ASN A 108 -8.59 -24.01 -0.37
C ASN A 108 -7.17 -23.87 -0.98
N ARG A 109 -6.38 -22.97 -0.38
CA ARG A 109 -5.03 -22.65 -0.83
C ARG A 109 -4.11 -22.46 0.37
N LYS A 110 -4.34 -23.27 1.40
CA LYS A 110 -3.61 -23.23 2.65
C LYS A 110 -2.09 -23.36 2.43
N ALA A 111 -1.69 -24.36 1.66
CA ALA A 111 -0.29 -24.56 1.31
C ALA A 111 0.32 -23.38 0.54
N GLN A 112 -0.39 -22.85 -0.46
CA GLN A 112 0.10 -21.66 -1.21
C GLN A 112 0.26 -20.44 -0.32
N ALA A 113 -0.68 -20.29 0.61
CA ALA A 113 -0.68 -19.16 1.55
C ALA A 113 0.50 -19.25 2.50
N LYS A 114 0.73 -20.44 3.05
CA LYS A 114 1.88 -20.68 3.92
C LYS A 114 3.21 -20.37 3.23
N GLU A 115 3.35 -20.82 1.99
CA GLU A 115 4.54 -20.55 1.21
C GLU A 115 4.80 -19.05 1.02
N LEU A 116 3.80 -18.32 0.54
CA LEU A 116 3.90 -16.87 0.40
C LEU A 116 4.27 -16.21 1.74
N ASN A 117 3.58 -16.58 2.81
CA ASN A 117 3.81 -16.03 4.14
C ASN A 117 5.21 -16.33 4.68
N ASP A 118 5.68 -17.55 4.49
CA ASP A 118 7.04 -17.94 4.91
C ASP A 118 8.09 -17.09 4.18
N HIS A 119 7.87 -16.83 2.89
CA HIS A 119 8.84 -16.06 2.11
C HIS A 119 8.90 -14.58 2.54
N LEU A 120 7.73 -13.96 2.66
CA LEU A 120 7.59 -12.58 3.12
C LEU A 120 8.17 -12.42 4.55
N ASN A 121 7.84 -13.35 5.45
CA ASN A 121 8.39 -13.40 6.80
C ASN A 121 9.91 -13.49 6.86
N SER A 122 10.45 -14.34 5.99
CA SER A 122 11.89 -14.56 5.88
C SER A 122 12.65 -13.30 5.40
N VAL A 123 12.14 -12.63 4.37
CA VAL A 123 12.71 -11.36 3.91
C VAL A 123 12.60 -10.31 5.01
N LYS A 124 11.44 -10.26 5.69
CA LYS A 124 11.19 -9.25 6.73
C LYS A 124 12.18 -9.41 7.89
N GLN A 125 12.31 -10.64 8.39
CA GLN A 125 13.27 -10.92 9.45
C GLN A 125 14.70 -10.60 9.06
N LYS A 126 15.08 -10.92 7.84
CA LYS A 126 16.44 -10.62 7.36
C LYS A 126 16.73 -9.12 7.30
N ILE A 127 15.76 -8.33 6.86
CA ILE A 127 15.92 -6.85 6.78
C ILE A 127 15.95 -6.25 8.20
N GLU A 128 15.05 -6.75 9.05
CA GLU A 128 15.05 -6.40 10.46
C GLU A 128 16.37 -6.71 11.15
N ASN A 129 16.94 -7.87 10.87
CA ASN A 129 18.25 -8.22 11.42
C ASN A 129 19.40 -7.31 10.95
N LYS A 130 19.39 -6.96 9.67
CA LYS A 130 20.38 -6.01 9.13
C LYS A 130 20.23 -4.63 9.77
N ALA A 131 18.99 -4.13 9.82
CA ALA A 131 18.69 -2.81 10.38
C ALA A 131 19.18 -2.68 11.82
N ALA A 132 18.98 -3.74 12.62
CA ALA A 132 19.33 -3.76 14.04
C ALA A 132 20.85 -3.66 14.27
N LYS A 133 21.61 -4.13 13.29
CA LYS A 133 23.06 -4.07 13.36
C LYS A 133 23.60 -2.68 12.98
N GLN A 134 22.77 -1.84 12.36
CA GLN A 134 23.20 -0.50 11.98
C GLN A 134 23.34 0.39 13.21
N LYS A 135 24.39 1.23 13.22
CA LYS A 135 24.66 2.15 14.32
C LYS A 135 23.68 3.32 14.30
N LYS A 136 23.34 3.78 13.10
CA LYS A 136 22.48 4.95 12.94
C LYS A 136 21.16 4.57 12.33
N HIS A 137 20.12 5.34 12.67
CA HIS A 137 18.82 5.21 12.07
C HIS A 137 18.33 6.56 11.58
N PRO A 138 17.92 6.67 10.31
CA PRO A 138 17.45 7.95 9.82
C PRO A 138 16.06 8.30 10.36
N LYS A 139 15.86 9.58 10.65
CA LYS A 139 14.53 10.11 10.90
C LYS A 139 13.88 10.39 9.55
N VAL A 140 12.64 9.94 9.40
CA VAL A 140 12.00 9.94 8.10
C VAL A 140 10.66 10.63 8.18
N LEU A 141 10.39 11.49 7.18
CA LEU A 141 9.04 12.02 6.96
C LEU A 141 8.47 11.43 5.66
N ILE A 142 7.28 10.84 5.75
CA ILE A 142 6.67 10.18 4.58
C ILE A 142 5.48 10.97 4.08
N LEU A 143 5.57 11.43 2.82
CA LEU A 143 4.45 12.09 2.15
C LEU A 143 3.71 11.14 1.17
N MET A 144 2.39 11.17 1.22
CA MET A 144 1.55 10.43 0.30
C MET A 144 0.77 11.45 -0.52
N GLY A 145 1.13 11.56 -1.80
CA GLY A 145 0.51 12.53 -2.67
C GLY A 145 -0.62 11.88 -3.42
N VAL A 146 -1.75 12.57 -3.43
CA VAL A 146 -2.92 12.14 -4.18
C VAL A 146 -3.31 13.27 -5.14
N PRO A 147 -4.22 13.00 -6.11
CA PRO A 147 -4.65 14.12 -6.95
C PRO A 147 -5.21 15.29 -6.13
N GLY A 148 -4.55 16.45 -6.20
CA GLY A 148 -5.02 17.66 -5.51
C GLY A 148 -4.26 18.12 -4.28
N SER A 149 -3.65 17.20 -3.53
CA SER A 149 -3.02 17.54 -2.26
C SER A 149 -2.14 16.40 -1.76
N TYR A 150 -1.40 16.63 -0.68
CA TYR A 150 -0.67 15.53 -0.05
C TYR A 150 -1.00 15.33 1.43
N LEU A 151 -0.79 14.10 1.87
CA LEU A 151 -1.07 13.68 3.22
C LEU A 151 0.24 13.19 3.84
N VAL A 152 0.18 12.89 5.13
CA VAL A 152 1.36 12.44 5.86
C VAL A 152 1.07 11.03 6.36
N ALA A 153 2.00 10.12 6.06
CA ALA A 153 1.80 8.70 6.39
C ALA A 153 2.28 8.39 7.81
N THR A 154 1.45 7.68 8.57
CA THR A 154 1.78 7.28 9.94
C THR A 154 2.29 5.85 9.97
N ASP A 155 2.71 5.38 11.15
CA ASP A 155 3.06 3.97 11.37
C ASP A 155 1.93 2.96 11.06
N LYS A 156 0.68 3.43 11.04
CA LYS A 156 -0.50 2.58 10.76
C LYS A 156 -0.65 2.26 9.28
N SER A 157 0.09 3.00 8.45
CA SER A 157 0.08 2.78 7.03
C SER A 157 1.16 1.78 6.63
N TYR A 158 0.99 1.20 5.44
CA TYR A 158 1.94 0.24 4.90
C TYR A 158 3.36 0.81 4.76
N ILE A 159 3.48 2.00 4.16
CA ILE A 159 4.79 2.66 4.05
C ILE A 159 5.41 2.95 5.43
N GLY A 160 4.59 3.32 6.41
CA GLY A 160 5.05 3.45 7.78
C GLY A 160 5.64 2.15 8.32
N ASP A 161 4.98 1.03 8.04
CA ASP A 161 5.52 -0.27 8.44
C ASP A 161 6.85 -0.59 7.75
N LEU A 162 6.94 -0.31 6.44
CA LEU A 162 8.16 -0.55 5.68
C LEU A 162 9.32 0.27 6.26
N VAL A 163 9.05 1.54 6.54
CA VAL A 163 10.08 2.43 7.09
C VAL A 163 10.60 1.89 8.42
N LYS A 164 9.68 1.41 9.26
CA LYS A 164 10.04 0.79 10.54
C LYS A 164 10.91 -0.46 10.35
N ILE A 165 10.45 -1.36 9.48
CA ILE A 165 11.17 -2.61 9.17
C ILE A 165 12.59 -2.34 8.68
N ALA A 166 12.71 -1.39 7.75
CA ALA A 166 14.00 -1.05 7.14
C ALA A 166 14.92 -0.23 8.03
N GLY A 167 14.46 0.15 9.23
CA GLY A 167 15.32 0.79 10.22
C GLY A 167 15.20 2.30 10.36
N GLY A 168 14.18 2.89 9.74
CA GLY A 168 13.96 4.32 9.89
C GLY A 168 13.12 4.64 11.12
N GLU A 169 13.14 5.91 11.51
CA GLU A 169 12.33 6.39 12.63
C GLU A 169 11.38 7.48 12.15
N ASN A 170 10.10 7.15 12.06
CA ASN A 170 9.09 8.10 11.60
C ASN A 170 9.02 9.29 12.57
N VAL A 171 9.19 10.50 12.03
CA VAL A 171 9.10 11.74 12.80
C VAL A 171 7.67 11.99 13.25
N ILE A 172 6.71 11.44 12.50
CA ILE A 172 5.29 11.55 12.84
C ILE A 172 4.94 10.44 13.80
N LYS A 173 4.35 10.82 14.94
CA LYS A 173 4.18 9.88 16.04
C LYS A 173 2.74 9.43 16.22
N VAL A 174 1.80 10.24 15.75
CA VAL A 174 0.36 9.91 15.83
C VAL A 174 0.13 8.67 14.98
N LYS A 175 -0.82 7.83 15.39
CA LYS A 175 -0.86 6.45 14.92
C LYS A 175 -2.28 5.92 14.66
N ASP A 176 -3.28 6.78 14.79
CA ASP A 176 -4.68 6.38 14.82
C ASP A 176 -5.38 6.35 13.45
N ARG A 177 -4.74 6.93 12.44
CA ARG A 177 -5.13 6.66 11.06
C ARG A 177 -3.89 6.53 10.18
N GLN A 178 -4.07 5.87 9.04
CA GLN A 178 -2.97 5.61 8.08
C GLN A 178 -2.33 6.89 7.53
N TYR A 179 -3.15 7.86 7.17
CA TYR A 179 -2.71 9.10 6.54
C TYR A 179 -3.43 10.26 7.22
N ILE A 180 -2.74 11.37 7.40
CA ILE A 180 -3.33 12.52 8.08
C ILE A 180 -3.10 13.82 7.27
N SER A 181 -3.92 14.85 7.47
CA SER A 181 -3.74 16.12 6.76
C SER A 181 -2.29 16.60 6.85
N SER A 182 -1.81 17.22 5.79
CA SER A 182 -0.49 17.85 5.80
C SER A 182 -0.37 18.90 6.91
N ASN A 183 -1.52 19.37 7.42
CA ASN A 183 -1.57 20.36 8.52
C ASN A 183 -1.87 19.80 9.94
N THR A 184 -2.20 18.50 10.04
CA THR A 184 -2.61 17.88 11.31
C THR A 184 -1.49 17.82 12.35
N GLU A 185 -0.44 17.05 12.07
CA GLU A 185 0.81 17.22 12.81
C GLU A 185 1.49 18.39 12.12
N ASN A 186 2.11 19.28 12.89
CA ASN A 186 2.77 20.38 12.23
C ASN A 186 4.25 20.21 11.91
N LEU A 187 4.50 20.24 10.59
CA LEU A 187 5.77 19.95 9.95
C LEU A 187 6.94 20.87 10.34
N LEU A 188 6.72 21.75 11.30
CA LEU A 188 7.77 22.64 11.77
C LEU A 188 8.31 22.23 13.14
N ASN A 189 7.82 21.09 13.64
CA ASN A 189 8.29 20.52 14.91
C ASN A 189 9.16 19.27 14.74
N ILE A 190 9.39 18.87 13.49
CA ILE A 190 10.11 17.65 13.13
C ILE A 190 11.47 17.95 12.44
N ASN A 191 12.38 16.98 12.46
CA ASN A 191 13.73 17.14 11.91
C ASN A 191 14.22 15.90 11.14
N PRO A 192 13.57 15.57 9.98
CA PRO A 192 13.94 14.33 9.29
C PRO A 192 15.29 14.40 8.57
N ASP A 193 16.01 13.29 8.59
CA ASP A 193 17.20 13.10 7.77
C ASP A 193 16.79 12.84 6.32
N ILE A 194 15.64 12.18 6.15
CA ILE A 194 15.15 11.71 4.85
C ILE A 194 13.67 12.06 4.69
N ILE A 195 13.30 12.56 3.51
CA ILE A 195 11.90 12.75 3.14
C ILE A 195 11.59 11.79 2.00
N LEU A 196 10.52 11.01 2.16
CA LEU A 196 10.04 10.09 1.12
C LEU A 196 8.75 10.66 0.53
N ARG A 197 8.64 10.65 -0.79
CA ARG A 197 7.43 11.11 -1.49
C ARG A 197 6.84 10.00 -2.34
N LEU A 198 5.66 9.51 -1.96
CA LEU A 198 4.97 8.45 -2.69
C LEU A 198 3.78 9.06 -3.41
N PRO A 199 3.56 8.64 -4.67
CA PRO A 199 2.44 9.10 -5.51
C PRO A 199 1.25 8.15 -5.50
N HIS A 200 0.05 8.69 -5.67
CA HIS A 200 -1.17 7.89 -5.70
C HIS A 200 -2.20 8.44 -6.67
N GLY A 201 -2.85 7.53 -7.39
CA GLY A 201 -4.04 7.85 -8.18
C GLY A 201 -3.75 8.34 -9.58
N MET A 202 -3.04 9.47 -9.63
CA MET A 202 -2.58 10.10 -10.88
C MET A 202 -1.11 10.47 -10.64
N PRO A 203 -0.19 9.50 -10.83
CA PRO A 203 1.21 9.70 -10.43
C PRO A 203 1.90 10.87 -11.13
N GLU A 204 1.51 11.13 -12.37
CA GLU A 204 2.04 12.22 -13.17
C GLU A 204 1.63 13.57 -12.58
N GLU A 205 0.33 13.76 -12.33
CA GLU A 205 -0.16 14.95 -11.67
C GLU A 205 0.52 15.14 -10.31
N VAL A 206 0.68 14.03 -9.58
CA VAL A 206 1.21 14.05 -8.21
C VAL A 206 2.67 14.52 -8.11
N LYS A 207 3.54 13.98 -8.97
CA LYS A 207 4.95 14.36 -8.97
C LYS A 207 5.16 15.82 -9.30
N LYS A 208 4.44 16.34 -10.30
CA LYS A 208 4.53 17.76 -10.61
C LYS A 208 3.96 18.64 -9.47
N MET A 209 2.93 18.12 -8.81
CA MET A 209 2.39 18.76 -7.62
C MET A 209 3.45 18.86 -6.50
N PHE A 210 4.16 17.76 -6.24
CA PHE A 210 5.25 17.74 -5.27
C PHE A 210 6.39 18.71 -5.64
N GLN A 211 6.67 18.81 -6.94
CA GLN A 211 7.72 19.69 -7.46
C GLN A 211 7.39 21.17 -7.22
N LYS A 212 6.12 21.52 -7.44
CA LYS A 212 5.62 22.89 -7.24
C LYS A 212 5.55 23.25 -5.76
N GLU A 213 5.08 22.30 -4.95
CA GLU A 213 4.99 22.46 -3.50
C GLU A 213 6.35 22.78 -2.86
N PHE A 214 7.37 22.04 -3.27
CA PHE A 214 8.69 22.14 -2.63
C PHE A 214 9.44 23.41 -3.09
N LYS A 215 9.02 23.94 -4.24
CA LYS A 215 9.54 25.21 -4.74
C LYS A 215 8.80 26.39 -4.13
N GLN A 216 7.47 26.24 -3.99
CA GLN A 216 6.60 27.36 -3.65
C GLN A 216 6.37 27.56 -2.16
N ASN A 217 6.16 26.49 -1.42
CA ASN A 217 5.98 26.60 0.03
C ASN A 217 7.34 26.82 0.70
N ASP A 218 7.47 27.92 1.45
CA ASP A 218 8.76 28.35 1.97
C ASP A 218 9.42 27.44 3.01
N ILE A 219 8.63 26.61 3.67
CA ILE A 219 9.14 25.73 4.72
C ILE A 219 10.19 24.69 4.26
N TRP A 220 10.05 24.19 3.05
CA TRP A 220 10.86 23.06 2.57
C TRP A 220 12.35 23.36 2.40
N LYS A 221 12.68 24.55 1.91
CA LYS A 221 14.08 24.93 1.69
C LYS A 221 14.88 24.94 3.01
N HIS A 222 14.17 25.06 4.12
CA HIS A 222 14.74 25.09 5.46
C HIS A 222 14.98 23.70 6.09
N PHE A 223 14.35 22.67 5.53
CA PHE A 223 14.55 21.27 5.94
C PHE A 223 15.96 20.82 5.56
N LYS A 224 16.65 20.17 6.51
CA LYS A 224 17.98 19.66 6.25
C LYS A 224 17.95 18.52 5.22
N ALA A 225 16.87 17.75 5.19
CA ALA A 225 16.70 16.70 4.18
C ALA A 225 16.71 17.26 2.75
N VAL A 226 16.20 18.49 2.59
CA VAL A 226 16.15 19.17 1.30
C VAL A 226 17.54 19.71 0.94
N LYS A 227 18.16 20.42 1.88
CA LYS A 227 19.50 20.98 1.73
C LYS A 227 20.54 19.89 1.43
N ASN A 228 20.30 18.69 1.92
CA ASN A 228 21.27 17.60 1.80
C ASN A 228 20.92 16.60 0.71
N ASN A 229 19.94 16.95 -0.13
CA ASN A 229 19.45 16.09 -1.21
C ASN A 229 19.07 14.66 -0.78
N HIS A 230 18.31 14.57 0.32
CA HIS A 230 17.76 13.29 0.78
C HIS A 230 16.24 13.31 0.74
N VAL A 231 15.72 13.86 -0.35
CA VAL A 231 14.30 13.83 -0.68
C VAL A 231 14.13 12.83 -1.83
N TYR A 232 13.39 11.75 -1.59
CA TYR A 232 13.27 10.68 -2.58
C TYR A 232 11.84 10.47 -3.10
N ASP A 233 11.70 10.40 -4.42
CA ASP A 233 10.43 10.06 -5.04
C ASP A 233 10.42 8.55 -5.28
N LEU A 234 9.54 7.84 -4.61
CA LEU A 234 9.46 6.38 -4.72
C LEU A 234 8.47 6.00 -5.83
N GLU A 235 8.72 4.88 -6.51
CA GLU A 235 7.79 4.38 -7.52
C GLU A 235 6.62 3.75 -6.83
N GLU A 236 5.42 4.10 -7.27
CA GLU A 236 4.17 3.54 -6.72
C GLU A 236 4.15 1.99 -6.67
N VAL A 237 4.86 1.36 -7.60
CA VAL A 237 5.10 -0.07 -7.55
C VAL A 237 6.62 -0.21 -7.34
N PRO A 238 7.05 -0.73 -6.18
CA PRO A 238 6.33 -1.43 -5.09
C PRO A 238 5.83 -0.59 -3.91
N PHE A 239 5.95 0.74 -3.99
CA PHE A 239 5.62 1.58 -2.85
C PHE A 239 4.21 2.19 -2.94
N GLY A 240 3.21 1.32 -2.72
CA GLY A 240 1.81 1.70 -2.91
C GLY A 240 1.15 2.21 -1.64
N ILE A 241 -0.14 2.53 -1.75
CA ILE A 241 -0.95 3.05 -0.65
C ILE A 241 -1.43 1.96 0.31
N THR A 242 -1.23 0.70 -0.07
CA THR A 242 -1.47 -0.45 0.81
C THR A 242 -0.34 -1.45 0.55
N ALA A 243 -0.32 -2.49 1.38
CA ALA A 243 0.63 -3.57 1.21
C ALA A 243 0.27 -4.35 -0.06
N ASN A 244 1.23 -5.11 -0.56
CA ASN A 244 1.05 -5.94 -1.74
C ASN A 244 2.09 -7.04 -1.64
N VAL A 245 1.95 -8.08 -2.44
CA VAL A 245 2.82 -9.26 -2.35
C VAL A 245 4.25 -9.02 -2.83
N ASP A 246 4.53 -7.82 -3.34
CA ASP A 246 5.89 -7.42 -3.66
C ASP A 246 6.53 -6.66 -2.48
N ALA A 247 6.01 -6.84 -1.27
CA ALA A 247 6.61 -6.25 -0.07
C ALA A 247 8.06 -6.73 0.14
N ASP A 248 8.39 -7.90 -0.39
CA ASP A 248 9.79 -8.33 -0.44
C ASP A 248 10.73 -7.31 -1.16
N LYS A 249 10.32 -6.85 -2.34
CA LYS A 249 11.06 -5.82 -3.09
C LYS A 249 11.04 -4.47 -2.38
N ALA A 250 9.89 -4.10 -1.82
CA ALA A 250 9.75 -2.82 -1.11
C ALA A 250 10.65 -2.71 0.11
N MET A 251 10.68 -3.77 0.93
CA MET A 251 11.51 -3.84 2.15
C MET A 251 13.00 -3.76 1.83
N THR A 252 13.43 -4.54 0.84
CA THR A 252 14.83 -4.63 0.42
C THR A 252 15.29 -3.30 -0.19
N GLN A 253 14.48 -2.74 -1.10
CA GLN A 253 14.79 -1.47 -1.74
C GLN A 253 14.91 -0.31 -0.75
N LEU A 254 13.98 -0.24 0.21
CA LEU A 254 14.00 0.84 1.19
C LEU A 254 15.19 0.75 2.14
N TYR A 255 15.47 -0.45 2.63
CA TYR A 255 16.70 -0.68 3.38
C TYR A 255 17.93 -0.23 2.60
N ASP A 256 17.99 -0.55 1.31
CA ASP A 256 19.15 -0.18 0.50
C ASP A 256 19.22 1.32 0.23
N LEU A 257 18.06 1.98 0.17
CA LEU A 257 18.01 3.43 0.10
C LEU A 257 18.54 4.07 1.38
N PHE A 258 18.14 3.54 2.54
CA PHE A 258 18.49 4.11 3.83
C PHE A 258 19.98 3.99 4.13
N TYR A 259 20.53 2.85 3.75
CA TYR A 259 21.91 2.50 4.07
C TYR A 259 22.66 2.26 2.76
N LYS A 260 23.33 3.31 2.28
CA LYS A 260 24.08 3.24 1.02
C LYS A 260 25.32 4.12 1.04
CHA HEM B . -6.79 3.25 -5.96
CHB HEM B . -7.80 7.87 -7.14
CHC HEM B . -7.09 9.10 -2.46
CHD HEM B . -7.04 4.44 -1.20
C1A HEM B . -6.99 4.40 -6.73
C2A HEM B . -6.91 4.53 -8.17
C3A HEM B . -7.20 5.81 -8.50
C4A HEM B . -7.46 6.53 -7.26
CMA HEM B . -7.24 6.43 -9.92
CAA HEM B . -6.58 3.40 -9.17
CBA HEM B . -5.09 3.39 -9.50
CGA HEM B . -4.89 2.33 -10.56
O1A HEM B . -4.38 1.24 -10.24
O2A HEM B . -5.25 2.58 -11.74
C1B HEM B . -7.74 8.61 -5.98
C2B HEM B . -8.05 10.02 -5.82
C3B HEM B . -7.84 10.35 -4.54
C4B HEM B . -7.41 9.16 -3.81
CMB HEM B . -8.51 10.92 -7.01
CAB HEM B . -8.00 11.71 -3.82
CBB HEM B . -8.37 12.81 -4.48
C1C HEM B . -6.98 7.97 -1.67
C2C HEM B . -6.73 7.89 -0.25
C3C HEM B . -6.73 6.57 0.08
C4C HEM B . -6.97 5.82 -1.11
CMC HEM B . -6.51 9.08 0.72
CAC HEM B . -6.48 5.91 1.47
CBC HEM B . -6.88 6.46 2.61
C1D HEM B . -6.98 3.66 -2.34
C2D HEM B . -6.88 2.22 -2.35
C3D HEM B . -6.79 1.86 -3.84
C4D HEM B . -6.85 3.10 -4.58
CMD HEM B . -6.85 1.29 -1.12
CAD HEM B . -6.65 0.43 -4.41
CBD HEM B . -5.16 0.10 -4.43
CGD HEM B . -4.98 -1.20 -5.19
O1D HEM B . -4.24 -2.11 -4.70
O2D HEM B . -5.59 -1.33 -6.28
NA HEM B . -7.34 5.63 -6.22
NB HEM B . -7.36 8.13 -4.73
NC HEM B . -7.09 6.69 -2.15
ND HEM B . -6.96 4.13 -3.65
FE HEM B . -7.12 6.11 -4.19
#